data_5LQ1
#
_entry.id   5LQ1
#
_cell.length_a   39.481
_cell.length_b   53.703
_cell.length_c   66.388
_cell.angle_alpha   84.82
_cell.angle_beta   78.26
_cell.angle_gamma   69.74
#
_symmetry.space_group_name_H-M   'P 1'
#
loop_
_entity.id
_entity.type
_entity.pdbx_description
1 polymer 'Phosphonate ABC transporter, periplasmic phosphonate-binding protein'
2 non-polymer 'MAGNESIUM ION'
3 non-polymer 'METHYLPHOSPHONIC ACID ESTER GROUP'
4 non-polymer 1,2-ETHANEDIOL
5 water water
#
_entity_poly.entity_id   1
_entity_poly.type   'polypeptide(L)'
_entity_poly.pdbx_seq_one_letter_code
;MNIQKSENKANPQKLVVALLPDESAATVIQNNKGLEMYLENKLNKDIELFVSTDYSSMIEVASKGRLDLAYFGPLSYVLA
KTKSNIEPFAALEKDGKNTYQALVIGNAEAGINSYEKIEGKIMAYGDQASTSSHLIPKSMLKQKQLKAGENYEEVFVGAH
DAVAIAVANGKAQAGGLSKPIFTALIERGTIDKNKVIIIAESKPFPQYPWTMRSDLDSELKTQIQQAFLELEDKAILKPF
KADAFTLVTDQDYDVVRNLGEVLELNFEQLNKLEHHHHHH
;
_entity_poly.pdbx_strand_id   A,B
#
loop_
_chem_comp.id
_chem_comp.type
_chem_comp.name
_chem_comp.formula
EDO non-polymer 1,2-ETHANEDIOL 'C2 H6 O2'
GB non-polymer 'METHYLPHOSPHONIC ACID ESTER GROUP' 'C H5 O3 P'
MG non-polymer 'MAGNESIUM ION' 'Mg 2'
#
# COMPACT_ATOMS: atom_id res chain seq x y z
N LYS A 9 -17.81 -15.27 -5.36
CA LYS A 9 -17.62 -13.94 -4.72
C LYS A 9 -16.19 -13.62 -4.31
N ALA A 10 -15.29 -14.60 -4.18
CA ALA A 10 -13.88 -14.30 -3.83
C ALA A 10 -13.10 -13.68 -4.97
N ASN A 11 -13.41 -14.10 -6.19
CA ASN A 11 -12.74 -13.64 -7.42
C ASN A 11 -13.79 -13.36 -8.48
N PRO A 12 -14.62 -12.34 -8.26
CA PRO A 12 -15.69 -12.08 -9.21
C PRO A 12 -15.12 -11.54 -10.51
N GLN A 13 -15.81 -11.84 -11.63
CA GLN A 13 -15.47 -11.29 -12.96
C GLN A 13 -15.66 -9.80 -13.09
N LYS A 14 -16.70 -9.29 -12.41
CA LYS A 14 -16.98 -7.85 -12.40
C LYS A 14 -16.95 -7.35 -10.97
N LEU A 15 -16.47 -6.11 -10.82
CA LEU A 15 -16.31 -5.48 -9.52
C LEU A 15 -17.36 -4.38 -9.37
N VAL A 16 -18.10 -4.43 -8.26
CA VAL A 16 -19.05 -3.40 -7.90
C VAL A 16 -18.30 -2.36 -7.07
N VAL A 17 -18.22 -1.15 -7.61
CA VAL A 17 -17.39 -0.06 -7.06
C VAL A 17 -18.27 1.13 -6.72
N ALA A 18 -18.36 1.41 -5.43
CA ALA A 18 -19.09 2.59 -4.93
C ALA A 18 -18.18 3.81 -4.78
N LEU A 19 -18.70 4.95 -5.20
CA LEU A 19 -18.04 6.22 -5.05
C LEU A 19 -18.84 7.18 -4.18
N LEU A 20 -18.16 7.84 -3.26
CA LEU A 20 -18.82 8.78 -2.34
C LEU A 20 -19.50 9.93 -3.13
N PRO A 21 -20.78 10.25 -2.81
CA PRO A 21 -21.49 11.33 -3.46
C PRO A 21 -21.14 12.68 -2.80
N ASP A 22 -19.87 13.06 -2.86
CA ASP A 22 -19.41 14.34 -2.28
C ASP A 22 -19.80 15.55 -3.13
N GLU A 23 -20.13 15.28 -4.39
CA GLU A 23 -20.69 16.24 -5.31
C GLU A 23 -21.75 15.55 -6.12
N SER A 24 -22.36 16.30 -7.04
CA SER A 24 -23.34 15.71 -7.95
C SER A 24 -22.80 14.42 -8.59
N ALA A 25 -23.69 13.45 -8.73
CA ALA A 25 -23.34 12.12 -9.26
C ALA A 25 -22.63 12.23 -10.60
N ALA A 26 -23.13 13.10 -11.50
CA ALA A 26 -22.49 13.33 -12.83
C ALA A 26 -21.03 13.73 -12.74
N THR A 27 -20.75 14.64 -11.80
CA THR A 27 -19.40 15.12 -11.56
C THR A 27 -18.51 13.99 -11.04
N VAL A 28 -19.02 13.26 -10.07
CA VAL A 28 -18.25 12.13 -9.47
C VAL A 28 -17.94 11.05 -10.51
N ILE A 29 -18.97 10.69 -11.28
CA ILE A 29 -18.80 9.65 -12.34
C ILE A 29 -17.78 10.12 -13.35
N GLN A 30 -17.95 11.34 -13.85
CA GLN A 30 -17.05 11.88 -14.91
C GLN A 30 -15.59 11.96 -14.43
N ASN A 31 -15.37 12.38 -13.19
CA ASN A 31 -14.00 12.46 -12.65
C ASN A 31 -13.31 11.11 -12.52
N ASN A 32 -14.10 10.05 -12.36
CA ASN A 32 -13.60 8.67 -12.16
C ASN A 32 -13.51 7.81 -13.42
N LYS A 33 -13.96 8.33 -14.55
CA LYS A 33 -13.96 7.52 -15.80
C LYS A 33 -12.55 7.03 -16.20
N GLY A 34 -11.58 7.92 -16.10
CA GLY A 34 -10.16 7.60 -16.41
C GLY A 34 -9.67 6.47 -15.52
N LEU A 35 -9.90 6.62 -14.22
CA LEU A 35 -9.44 5.60 -13.27
C LEU A 35 -10.10 4.23 -13.47
N GLU A 36 -11.41 4.25 -13.71
CA GLU A 36 -12.17 3.04 -14.00
C GLU A 36 -11.56 2.25 -15.17
N MET A 37 -11.27 2.96 -16.23
CA MET A 37 -10.74 2.35 -17.50
C MET A 37 -9.36 1.75 -17.24
N TYR A 38 -8.52 2.51 -16.57
CA TYR A 38 -7.21 2.01 -16.12
C TYR A 38 -7.32 0.72 -15.31
N LEU A 39 -8.16 0.71 -14.29
CA LEU A 39 -8.30 -0.48 -13.43
C LEU A 39 -8.87 -1.69 -14.16
N GLU A 40 -9.86 -1.46 -15.03
CA GLU A 40 -10.42 -2.55 -15.82
C GLU A 40 -9.36 -3.25 -16.69
N ASN A 41 -8.54 -2.46 -17.36
CA ASN A 41 -7.41 -3.01 -18.12
C ASN A 41 -6.32 -3.68 -17.25
N LYS A 42 -5.90 -3.03 -16.17
CA LYS A 42 -4.86 -3.59 -15.27
C LYS A 42 -5.27 -4.90 -14.65
N LEU A 43 -6.52 -4.97 -14.23
CA LEU A 43 -7.02 -6.14 -13.52
C LEU A 43 -7.68 -7.20 -14.46
N ASN A 44 -7.96 -6.81 -15.70
CA ASN A 44 -8.78 -7.62 -16.63
C ASN A 44 -10.15 -8.00 -16.00
N LYS A 45 -10.81 -6.99 -15.46
CA LYS A 45 -12.18 -7.14 -14.91
C LYS A 45 -13.03 -5.99 -15.36
N ASP A 46 -14.32 -6.26 -15.40
CA ASP A 46 -15.30 -5.22 -15.65
C ASP A 46 -15.58 -4.52 -14.31
N ILE A 47 -15.70 -3.21 -14.36
CA ILE A 47 -16.09 -2.42 -13.17
C ILE A 47 -17.47 -1.83 -13.41
N GLU A 48 -18.31 -1.88 -12.37
CA GLU A 48 -19.63 -1.28 -12.42
C GLU A 48 -19.77 -0.34 -11.21
N LEU A 49 -19.98 0.93 -11.56
CA LEU A 49 -19.98 2.03 -10.59
C LEU A 49 -21.34 2.20 -9.93
N PHE A 50 -21.31 2.61 -8.66
CA PHE A 50 -22.53 2.97 -7.94
C PHE A 50 -22.29 4.25 -7.13
N VAL A 51 -23.14 5.24 -7.33
CA VAL A 51 -23.09 6.50 -6.57
C VAL A 51 -24.43 6.67 -5.89
N SER A 52 -24.38 6.61 -4.57
CA SER A 52 -25.57 6.63 -3.71
C SER A 52 -26.19 8.03 -3.66
N THR A 53 -27.40 8.08 -3.13
CA THR A 53 -28.11 9.34 -2.91
C THR A 53 -27.50 10.18 -1.80
N ASP A 54 -26.91 9.52 -0.82
CA ASP A 54 -26.32 10.22 0.33
C ASP A 54 -25.27 9.32 0.98
N TYR A 55 -24.55 9.83 1.98
CA TYR A 55 -23.46 9.04 2.58
C TYR A 55 -23.98 7.85 3.40
N SER A 56 -25.10 8.05 4.11
CA SER A 56 -25.69 6.98 4.95
C SER A 56 -26.11 5.80 4.09
N SER A 57 -26.62 6.08 2.89
CA SER A 57 -27.05 5.03 1.94
C SER A 57 -25.87 4.16 1.45
N MET A 58 -24.76 4.83 1.16
CA MET A 58 -23.51 4.14 0.80
C MET A 58 -23.00 3.22 1.91
N ILE A 59 -23.00 3.77 3.12
CA ILE A 59 -22.66 2.99 4.35
C ILE A 59 -23.53 1.73 4.47
N GLU A 60 -24.83 1.91 4.24
CA GLU A 60 -25.81 0.81 4.38
C GLU A 60 -25.48 -0.29 3.37
N VAL A 61 -25.23 0.15 2.13
CA VAL A 61 -24.99 -0.80 1.02
C VAL A 61 -23.66 -1.57 1.28
N ALA A 62 -22.65 -0.85 1.76
CA ALA A 62 -21.39 -1.52 2.20
C ALA A 62 -21.64 -2.55 3.30
N SER A 63 -22.47 -2.19 4.29
CA SER A 63 -22.71 -3.07 5.46
C SER A 63 -23.44 -4.33 5.08
N LYS A 64 -24.14 -4.28 3.96
CA LYS A 64 -24.89 -5.42 3.47
C LYS A 64 -24.10 -6.32 2.55
N GLY A 65 -22.83 -6.00 2.32
CA GLY A 65 -21.93 -6.87 1.56
C GLY A 65 -22.06 -6.84 0.06
N ARG A 66 -22.65 -5.75 -0.46
CA ARG A 66 -22.93 -5.54 -1.89
C ARG A 66 -21.76 -5.00 -2.70
N LEU A 67 -20.75 -4.50 -2.02
CA LEU A 67 -19.67 -3.78 -2.71
C LEU A 67 -18.38 -4.58 -2.71
N ASP A 68 -17.61 -4.45 -3.79
CA ASP A 68 -16.24 -5.00 -3.86
C ASP A 68 -15.16 -3.95 -3.53
N LEU A 69 -15.33 -2.74 -4.04
CA LEU A 69 -14.51 -1.58 -3.69
C LEU A 69 -15.39 -0.43 -3.33
N ALA A 70 -14.88 0.47 -2.47
CA ALA A 70 -15.62 1.70 -2.15
C ALA A 70 -14.70 2.83 -1.81
N TYR A 71 -14.90 3.96 -2.49
CA TYR A 71 -14.14 5.18 -2.20
C TYR A 71 -14.93 6.01 -1.19
N PHE A 72 -14.56 5.86 0.08
CA PHE A 72 -15.24 6.50 1.21
C PHE A 72 -14.58 7.83 1.57
N GLY A 73 -15.36 8.65 2.28
CA GLY A 73 -14.81 9.78 3.02
C GLY A 73 -14.19 9.23 4.31
N PRO A 74 -13.39 10.04 5.03
CA PRO A 74 -12.79 9.50 6.27
C PRO A 74 -13.82 9.11 7.32
N LEU A 75 -14.77 10.00 7.60
CA LEU A 75 -15.81 9.71 8.61
C LEU A 75 -16.75 8.59 8.18
N SER A 76 -17.18 8.61 6.94
CA SER A 76 -18.07 7.57 6.44
C SER A 76 -17.39 6.19 6.38
N TYR A 77 -16.08 6.19 6.13
CA TYR A 77 -15.28 4.97 6.31
C TYR A 77 -15.31 4.44 7.75
N VAL A 78 -15.01 5.30 8.72
CA VAL A 78 -15.05 4.92 10.17
C VAL A 78 -16.44 4.33 10.53
N LEU A 79 -17.49 4.96 10.04
CA LEU A 79 -18.85 4.50 10.28
C LEU A 79 -19.12 3.14 9.65
N ALA A 80 -18.77 2.99 8.37
CA ALA A 80 -18.92 1.72 7.68
C ALA A 80 -18.12 0.59 8.32
N LYS A 81 -16.93 0.92 8.80
CA LYS A 81 -16.01 -0.07 9.35
C LYS A 81 -16.57 -0.76 10.62
N THR A 82 -17.41 -0.02 11.35
CA THR A 82 -18.13 -0.59 12.53
C THR A 82 -19.05 -1.76 12.16
N LYS A 83 -19.49 -1.83 10.92
CA LYS A 83 -20.48 -2.83 10.50
C LYS A 83 -20.28 -3.47 9.16
N SER A 84 -19.08 -3.37 8.64
CA SER A 84 -18.75 -3.88 7.32
C SER A 84 -17.37 -4.57 7.36
N ASN A 85 -17.27 -5.62 6.56
CA ASN A 85 -16.03 -6.38 6.38
C ASN A 85 -15.21 -5.73 5.24
N ILE A 86 -14.67 -4.55 5.55
CA ILE A 86 -13.92 -3.73 4.56
C ILE A 86 -12.56 -3.30 5.13
N GLU A 87 -11.61 -3.02 4.25
CA GLU A 87 -10.33 -2.52 4.71
C GLU A 87 -9.84 -1.42 3.77
N PRO A 88 -9.25 -0.37 4.34
CA PRO A 88 -8.68 0.67 3.51
C PRO A 88 -7.36 0.19 2.94
N PHE A 89 -7.01 0.69 1.77
CA PHE A 89 -5.75 0.26 1.17
C PHE A 89 -4.97 1.33 0.42
N ALA A 90 -5.60 2.44 0.02
CA ALA A 90 -4.91 3.47 -0.79
C ALA A 90 -5.59 4.80 -0.59
N ALA A 91 -4.84 5.87 -0.87
CA ALA A 91 -5.36 7.23 -0.80
C ALA A 91 -4.51 8.13 -1.68
N LEU A 92 -5.14 9.20 -2.12
CA LEU A 92 -4.47 10.16 -3.04
C LEU A 92 -3.29 10.84 -2.39
N GLU A 93 -2.24 11.01 -3.18
CA GLU A 93 -1.02 11.67 -2.73
C GLU A 93 -0.81 12.88 -3.67
N LYS A 94 -0.51 14.03 -3.10
CA LYS A 94 -0.26 15.28 -3.87
C LYS A 94 0.97 15.94 -3.26
N ASP A 95 1.92 16.31 -4.11
CA ASP A 95 3.21 16.92 -3.68
C ASP A 95 3.80 16.26 -2.43
N GLY A 96 3.71 14.93 -2.36
CA GLY A 96 4.23 14.16 -1.22
C GLY A 96 3.38 14.01 0.05
N LYS A 97 2.21 14.65 0.06
CA LYS A 97 1.32 14.53 1.22
C LYS A 97 0.05 13.79 0.85
N ASN A 98 -0.44 13.03 1.82
CA ASN A 98 -1.70 12.27 1.68
C ASN A 98 -2.76 12.80 2.65
N THR A 99 -2.82 14.13 2.78
CA THR A 99 -3.84 14.77 3.64
C THR A 99 -4.65 15.80 2.87
N TYR A 100 -5.72 16.28 3.48
CA TYR A 100 -6.51 17.39 2.92
C TYR A 100 -7.09 18.21 4.07
N GLN A 101 -7.63 19.35 3.70
CA GLN A 101 -8.17 20.29 4.65
C GLN A 101 -9.60 20.66 4.32
N ALA A 102 -10.30 21.11 5.36
CA ALA A 102 -11.59 21.72 5.22
C ALA A 102 -11.39 23.24 5.27
N LEU A 103 -12.36 23.93 4.67
CA LEU A 103 -12.49 25.40 4.74
C LEU A 103 -13.77 25.80 5.46
N VAL A 104 -13.68 26.92 6.18
CA VAL A 104 -14.88 27.71 6.54
C VAL A 104 -14.86 28.91 5.61
N ILE A 105 -15.98 29.10 4.91
CA ILE A 105 -16.11 30.18 3.88
C ILE A 105 -17.30 31.06 4.25
N GLY A 106 -17.25 32.30 3.77
CA GLY A 106 -18.34 33.24 4.00
C GLY A 106 -18.83 33.91 2.74
N ASN A 107 -20.06 34.39 2.78
CA ASN A 107 -20.63 35.10 1.65
C ASN A 107 -19.98 36.50 1.58
N ALA A 108 -19.38 36.83 0.44
CA ALA A 108 -18.70 38.12 0.29
C ALA A 108 -19.68 39.32 0.25
N GLU A 109 -20.82 39.20 -0.44
CA GLU A 109 -21.79 40.34 -0.50
C GLU A 109 -22.21 40.83 0.90
N ALA A 110 -22.43 39.89 1.80
CA ALA A 110 -22.82 40.16 3.19
C ALA A 110 -21.65 40.46 4.14
N GLY A 111 -20.43 40.47 3.60
CA GLY A 111 -19.20 40.81 4.31
C GLY A 111 -18.85 39.80 5.40
N ILE A 112 -19.14 38.53 5.12
CA ILE A 112 -18.93 37.46 6.13
C ILE A 112 -17.47 37.00 6.04
N ASN A 113 -16.62 37.65 6.83
CA ASN A 113 -15.14 37.53 6.66
C ASN A 113 -14.39 37.17 7.94
N SER A 114 -15.14 36.77 8.95
CA SER A 114 -14.62 36.37 10.26
C SER A 114 -15.61 35.47 10.95
N TYR A 115 -15.14 34.75 11.97
CA TYR A 115 -16.00 33.93 12.83
C TYR A 115 -17.09 34.77 13.54
N GLU A 116 -16.74 35.96 14.00
CA GLU A 116 -17.71 36.84 14.69
C GLU A 116 -18.94 37.13 13.81
N LYS A 117 -18.71 37.28 12.49
CA LYS A 117 -19.79 37.56 11.54
C LYS A 117 -20.72 36.38 11.25
N ILE A 118 -20.28 35.18 11.58
CA ILE A 118 -21.18 34.01 11.54
C ILE A 118 -22.31 34.02 12.58
N GLU A 119 -22.08 34.69 13.72
CA GLU A 119 -23.03 34.69 14.85
C GLU A 119 -24.41 35.19 14.43
N GLY A 120 -25.43 34.42 14.77
CA GLY A 120 -26.81 34.73 14.39
C GLY A 120 -27.14 34.51 12.93
N LYS A 121 -26.26 33.82 12.19
CA LYS A 121 -26.50 33.61 10.75
C LYS A 121 -26.66 32.11 10.42
N ILE A 122 -26.79 31.84 9.12
CA ILE A 122 -27.00 30.49 8.61
C ILE A 122 -25.65 29.95 8.13
N MET A 123 -25.29 28.80 8.70
CA MET A 123 -24.08 28.02 8.34
C MET A 123 -24.51 26.78 7.58
N ALA A 124 -24.03 26.60 6.35
CA ALA A 124 -24.29 25.38 5.58
C ALA A 124 -23.23 24.27 5.78
N TYR A 125 -23.73 23.06 6.06
CA TYR A 125 -22.93 21.84 6.04
C TYR A 125 -23.46 20.94 4.94
N GLY A 126 -22.66 19.94 4.59
CA GLY A 126 -23.03 19.00 3.54
C GLY A 126 -23.86 17.85 4.07
N ASP A 127 -23.39 16.65 3.79
CA ASP A 127 -23.97 15.42 4.38
C ASP A 127 -23.65 15.37 5.87
N GLN A 128 -24.62 14.94 6.67
CA GLN A 128 -24.44 14.73 8.13
C GLN A 128 -23.21 13.86 8.48
N ALA A 129 -22.90 12.90 7.60
CA ALA A 129 -21.77 11.96 7.78
C ALA A 129 -20.49 12.40 7.06
N SER A 130 -20.42 13.70 6.76
CA SER A 130 -19.25 14.30 6.09
C SER A 130 -18.16 14.75 7.08
N THR A 131 -16.91 14.43 6.77
CA THR A 131 -15.76 14.89 7.52
C THR A 131 -15.53 16.39 7.31
N SER A 132 -15.20 16.75 6.09
CA SER A 132 -14.79 18.13 5.73
C SER A 132 -15.97 19.12 5.48
N SER A 133 -17.20 18.61 5.35
CA SER A 133 -18.35 19.50 5.19
C SER A 133 -19.31 19.42 6.37
N HIS A 134 -18.91 18.76 7.45
CA HIS A 134 -19.66 18.79 8.72
C HIS A 134 -18.74 18.75 9.94
N LEU A 135 -18.16 17.58 10.21
CA LEU A 135 -17.45 17.36 11.50
C LEU A 135 -16.33 18.39 11.71
N ILE A 136 -15.45 18.52 10.72
CA ILE A 136 -14.27 19.39 10.83
C ILE A 136 -14.67 20.88 10.94
N PRO A 137 -15.46 21.43 10.01
CA PRO A 137 -15.83 22.84 10.17
C PRO A 137 -16.64 23.08 11.44
N LYS A 138 -17.47 22.13 11.82
CA LYS A 138 -18.22 22.29 13.10
C LYS A 138 -17.27 22.40 14.31
N SER A 139 -16.23 21.60 14.32
CA SER A 139 -15.21 21.67 15.35
C SER A 139 -14.50 23.01 15.36
N MET A 140 -14.22 23.55 14.19
CA MET A 140 -13.57 24.83 14.06
C MET A 140 -14.46 25.95 14.61
N LEU A 141 -15.73 25.89 14.28
CA LEU A 141 -16.69 26.86 14.84
C LEU A 141 -16.84 26.74 16.35
N LYS A 142 -16.84 25.51 16.86
CA LYS A 142 -16.96 25.26 18.31
C LYS A 142 -15.79 25.87 19.10
N GLN A 143 -14.58 25.77 18.54
CA GLN A 143 -13.39 26.38 19.13
C GLN A 143 -13.48 27.89 19.19
N LYS A 144 -14.32 28.46 18.34
CA LYS A 144 -14.61 29.91 18.32
C LYS A 144 -15.94 30.29 19.01
N GLN A 145 -16.38 29.42 19.94
CA GLN A 145 -17.62 29.62 20.73
C GLN A 145 -18.88 29.79 19.88
N LEU A 146 -18.89 29.15 18.72
CA LEU A 146 -20.10 29.06 17.92
C LEU A 146 -20.70 27.69 18.02
N LYS A 147 -21.99 27.66 18.35
CA LYS A 147 -22.71 26.44 18.68
C LYS A 147 -24.02 26.38 17.93
N ALA A 148 -24.21 25.27 17.21
CA ALA A 148 -25.33 25.08 16.32
C ALA A 148 -26.62 25.01 17.08
N GLY A 149 -27.58 25.80 16.63
CA GLY A 149 -28.89 25.88 17.28
C GLY A 149 -28.93 26.78 18.51
N GLU A 150 -27.78 27.34 18.90
CA GLU A 150 -27.65 28.31 20.02
C GLU A 150 -27.32 29.71 19.53
N ASN A 151 -26.17 29.88 18.88
CA ASN A 151 -25.85 31.20 18.31
C ASN A 151 -25.54 31.21 16.81
N TYR A 152 -25.86 30.12 16.13
CA TYR A 152 -26.05 30.12 14.67
C TYR A 152 -27.05 29.04 14.27
N GLU A 153 -27.61 29.17 13.07
CA GLU A 153 -28.53 28.15 12.51
C GLU A 153 -27.73 27.29 11.53
N GLU A 154 -27.83 25.97 11.68
CA GLU A 154 -27.18 25.05 10.71
C GLU A 154 -28.22 24.54 9.71
N VAL A 155 -27.82 24.34 8.47
CA VAL A 155 -28.63 23.69 7.43
C VAL A 155 -27.73 22.64 6.77
N PHE A 156 -28.23 21.41 6.64
CA PHE A 156 -27.55 20.33 5.87
C PHE A 156 -28.03 20.33 4.43
N VAL A 157 -27.15 20.74 3.53
CA VAL A 157 -27.48 20.79 2.08
C VAL A 157 -27.04 19.56 1.29
N GLY A 158 -26.33 18.65 1.96
CA GLY A 158 -26.13 17.27 1.47
C GLY A 158 -24.88 16.91 0.71
N ALA A 159 -24.17 17.91 0.21
CA ALA A 159 -22.94 17.70 -0.56
C ALA A 159 -22.08 18.96 -0.59
N HIS A 160 -20.82 18.80 -0.98
CA HIS A 160 -19.89 19.94 -1.02
C HIS A 160 -20.20 21.01 -2.03
N ASP A 161 -20.62 20.57 -3.23
CA ASP A 161 -20.97 21.55 -4.25
C ASP A 161 -22.20 22.32 -3.81
N ALA A 162 -23.15 21.63 -3.17
CA ALA A 162 -24.36 22.31 -2.64
C ALA A 162 -23.99 23.38 -1.56
N VAL A 163 -23.00 23.09 -0.71
CA VAL A 163 -22.55 24.08 0.28
C VAL A 163 -22.00 25.32 -0.41
N ALA A 164 -21.09 25.11 -1.36
CA ALA A 164 -20.40 26.23 -2.02
C ALA A 164 -21.39 27.16 -2.77
N ILE A 165 -22.34 26.54 -3.44
CA ILE A 165 -23.39 27.24 -4.21
C ILE A 165 -24.25 28.05 -3.22
N ALA A 166 -24.66 27.40 -2.13
CA ALA A 166 -25.48 28.08 -1.10
C ALA A 166 -24.82 29.32 -0.51
N VAL A 167 -23.52 29.24 -0.27
CA VAL A 167 -22.78 30.36 0.30
C VAL A 167 -22.56 31.46 -0.74
N ALA A 168 -22.13 31.05 -1.95
CA ALA A 168 -21.92 32.01 -3.07
C ALA A 168 -23.18 32.82 -3.41
N ASN A 169 -24.33 32.16 -3.43
CA ASN A 169 -25.61 32.84 -3.74
C ASN A 169 -26.30 33.55 -2.54
N GLY A 170 -25.72 33.40 -1.36
CA GLY A 170 -26.24 34.06 -0.13
C GLY A 170 -27.45 33.43 0.54
N LYS A 171 -27.84 32.24 0.08
CA LYS A 171 -28.87 31.41 0.76
C LYS A 171 -28.38 31.05 2.15
N ALA A 172 -27.07 30.85 2.25
CA ALA A 172 -26.37 30.68 3.51
C ALA A 172 -25.29 31.75 3.62
N GLN A 173 -25.02 32.23 4.83
CA GLN A 173 -23.99 33.24 5.03
C GLN A 173 -22.59 32.68 5.19
N ALA A 174 -22.52 31.44 5.62
CA ALA A 174 -21.23 30.78 5.77
C ALA A 174 -21.42 29.29 5.53
N GLY A 175 -20.30 28.58 5.40
CA GLY A 175 -20.34 27.17 5.09
C GLY A 175 -19.01 26.51 5.35
N GLY A 176 -19.05 25.17 5.38
CA GLY A 176 -17.86 24.35 5.53
C GLY A 176 -17.80 23.27 4.45
N LEU A 177 -16.62 23.12 3.86
CA LEU A 177 -16.44 22.16 2.73
C LEU A 177 -14.97 21.82 2.54
N SER A 178 -14.76 20.80 1.72
CA SER A 178 -13.46 20.31 1.28
C SER A 178 -12.68 21.41 0.55
N LYS A 179 -11.47 21.68 0.97
CA LYS A 179 -10.56 22.58 0.23
C LYS A 179 -10.32 22.12 -1.23
N PRO A 180 -10.03 20.83 -1.46
CA PRO A 180 -9.85 20.40 -2.86
C PRO A 180 -11.10 20.61 -3.72
N ILE A 181 -12.29 20.35 -3.18
CA ILE A 181 -13.54 20.55 -3.95
C ILE A 181 -13.77 22.04 -4.20
N PHE A 182 -13.61 22.87 -3.21
CA PHE A 182 -13.74 24.33 -3.35
C PHE A 182 -12.85 24.82 -4.50
N THR A 183 -11.60 24.37 -4.48
CA THR A 183 -10.60 24.74 -5.53
C THR A 183 -11.10 24.31 -6.92
N ALA A 184 -11.57 23.07 -7.03
CA ALA A 184 -12.02 22.51 -8.29
C ALA A 184 -13.26 23.27 -8.80
N LEU A 185 -14.12 23.67 -7.87
CA LEU A 185 -15.35 24.38 -8.24
C LEU A 185 -15.03 25.76 -8.79
N ILE A 186 -14.04 26.44 -8.21
CA ILE A 186 -13.53 27.72 -8.73
C ILE A 186 -12.84 27.55 -10.10
N GLU A 187 -11.96 26.57 -10.21
CA GLU A 187 -11.18 26.32 -11.44
C GLU A 187 -12.06 25.96 -12.61
N ARG A 188 -13.18 25.33 -12.34
CA ARG A 188 -14.15 24.90 -13.35
C ARG A 188 -15.23 25.92 -13.71
N GLY A 189 -15.19 27.05 -13.02
CA GLY A 189 -16.14 28.13 -13.24
C GLY A 189 -17.47 28.02 -12.53
N THR A 190 -17.68 26.94 -11.79
CA THR A 190 -18.95 26.74 -11.10
C THR A 190 -19.19 27.81 -10.02
N ILE A 191 -18.15 28.14 -9.29
CA ILE A 191 -18.20 29.16 -8.24
C ILE A 191 -17.34 30.36 -8.60
N ASP A 192 -17.93 31.55 -8.42
CA ASP A 192 -17.18 32.80 -8.59
C ASP A 192 -16.41 33.10 -7.30
N LYS A 193 -15.07 33.11 -7.41
CA LYS A 193 -14.18 33.34 -6.25
C LYS A 193 -14.49 34.67 -5.56
N ASN A 194 -14.91 35.66 -6.33
CA ASN A 194 -15.25 36.99 -5.78
C ASN A 194 -16.48 37.01 -4.87
N LYS A 195 -17.30 35.95 -4.93
CA LYS A 195 -18.55 35.86 -4.15
C LYS A 195 -18.41 35.17 -2.79
N VAL A 196 -17.23 34.62 -2.55
CA VAL A 196 -16.90 33.91 -1.33
C VAL A 196 -15.57 34.39 -0.73
N ILE A 197 -15.49 34.36 0.59
CA ILE A 197 -14.29 34.72 1.36
C ILE A 197 -13.86 33.49 2.20
N ILE A 198 -12.60 33.12 2.13
CA ILE A 198 -12.07 32.09 2.99
C ILE A 198 -11.83 32.69 4.38
N ILE A 199 -12.52 32.12 5.37
CA ILE A 199 -12.37 32.59 6.78
C ILE A 199 -11.25 31.84 7.51
N ALA A 200 -11.23 30.53 7.34
CA ALA A 200 -10.21 29.73 8.01
C ALA A 200 -10.04 28.40 7.30
N GLU A 201 -8.96 27.74 7.62
CA GLU A 201 -8.67 26.39 7.05
C GLU A 201 -8.28 25.47 8.17
N SER A 202 -8.67 24.20 8.05
CA SER A 202 -8.48 23.23 9.16
C SER A 202 -7.07 22.70 9.23
N LYS A 203 -6.79 21.95 10.29
CA LYS A 203 -5.55 21.17 10.31
C LYS A 203 -5.66 20.05 9.24
N PRO A 204 -4.53 19.43 8.87
CA PRO A 204 -4.60 18.33 7.90
C PRO A 204 -5.29 17.09 8.43
N PHE A 205 -6.18 16.49 7.62
CA PHE A 205 -6.79 15.20 7.94
C PHE A 205 -6.39 14.17 6.89
N PRO A 206 -6.39 12.88 7.22
CA PRO A 206 -6.08 11.84 6.24
C PRO A 206 -7.04 11.91 5.05
N GLN A 207 -6.49 11.70 3.86
CA GLN A 207 -7.28 11.63 2.62
C GLN A 207 -8.34 10.53 2.63
N TYR A 208 -9.30 10.67 1.75
CA TYR A 208 -10.33 9.64 1.53
C TYR A 208 -9.70 8.27 1.33
N PRO A 209 -10.16 7.25 2.06
CA PRO A 209 -9.63 5.94 1.75
C PRO A 209 -10.33 5.16 0.66
N TRP A 210 -9.57 4.67 -0.32
CA TRP A 210 -10.07 3.55 -1.06
C TRP A 210 -10.10 2.32 -0.21
N THR A 211 -11.23 1.59 -0.31
CA THR A 211 -11.44 0.41 0.54
C THR A 211 -11.83 -0.76 -0.31
N MET A 212 -11.59 -1.97 0.22
CA MET A 212 -12.01 -3.19 -0.47
C MET A 212 -12.65 -4.15 0.50
N ARG A 213 -13.49 -5.01 -0.06
CA ARG A 213 -14.08 -6.10 0.68
C ARG A 213 -12.97 -7.05 1.20
N SER A 214 -12.94 -7.31 2.51
CA SER A 214 -11.84 -8.06 3.09
C SER A 214 -11.81 -9.55 2.72
N ASP A 215 -12.95 -10.11 2.32
CA ASP A 215 -12.97 -11.53 1.87
C ASP A 215 -12.82 -11.77 0.37
N LEU A 216 -12.39 -10.74 -0.38
CA LEU A 216 -11.86 -10.97 -1.73
C LEU A 216 -10.65 -11.89 -1.60
N ASP A 217 -10.41 -12.67 -2.65
CA ASP A 217 -9.24 -13.53 -2.75
C ASP A 217 -7.97 -12.71 -2.43
N SER A 218 -7.08 -13.26 -1.61
CA SER A 218 -5.87 -12.57 -1.17
C SER A 218 -4.99 -12.12 -2.37
N GLU A 219 -4.93 -12.93 -3.41
CA GLU A 219 -4.18 -12.58 -4.61
C GLU A 219 -4.81 -11.38 -5.31
N LEU A 220 -6.14 -11.40 -5.42
CA LEU A 220 -6.85 -10.26 -6.03
C LEU A 220 -6.66 -8.96 -5.22
N LYS A 221 -6.73 -9.09 -3.89
CA LYS A 221 -6.55 -7.94 -3.00
C LYS A 221 -5.19 -7.26 -3.29
N THR A 222 -4.16 -8.08 -3.41
CA THR A 222 -2.80 -7.57 -3.66
C THR A 222 -2.71 -6.93 -5.04
N GLN A 223 -3.32 -7.61 -5.99
CA GLN A 223 -3.36 -7.04 -7.37
C GLN A 223 -4.03 -5.67 -7.41
N ILE A 224 -5.10 -5.51 -6.65
CA ILE A 224 -5.83 -4.23 -6.61
C ILE A 224 -4.98 -3.14 -5.98
N GLN A 225 -4.41 -3.42 -4.82
CA GLN A 225 -3.51 -2.47 -4.13
C GLN A 225 -2.32 -2.08 -5.03
N GLN A 226 -1.67 -3.07 -5.59
CA GLN A 226 -0.55 -2.87 -6.53
C GLN A 226 -0.92 -2.00 -7.75
N ALA A 227 -2.10 -2.23 -8.32
CA ALA A 227 -2.64 -1.43 -9.43
C ALA A 227 -2.72 0.07 -9.11
N PHE A 228 -3.22 0.38 -7.92
CA PHE A 228 -3.31 1.74 -7.47
C PHE A 228 -1.93 2.33 -7.27
N LEU A 229 -1.07 1.59 -6.59
CA LEU A 229 0.34 2.00 -6.37
C LEU A 229 1.12 2.24 -7.66
N GLU A 230 0.81 1.47 -8.69
CA GLU A 230 1.53 1.53 -9.97
C GLU A 230 1.08 2.66 -10.88
N LEU A 231 -0.08 3.24 -10.60
CA LEU A 231 -0.63 4.28 -11.47
C LEU A 231 0.32 5.48 -11.52
N GLU A 232 0.81 5.76 -12.72
CA GLU A 232 1.68 6.91 -12.99
C GLU A 232 1.08 7.62 -14.20
N ASP A 233 0.07 8.40 -13.92
CA ASP A 233 -0.69 9.08 -14.98
C ASP A 233 -1.38 10.33 -14.44
N LYS A 234 -0.70 11.47 -14.52
CA LYS A 234 -1.26 12.76 -14.03
C LYS A 234 -2.59 13.13 -14.71
N ALA A 235 -2.77 12.73 -15.96
CA ALA A 235 -4.04 12.94 -16.69
C ALA A 235 -5.25 12.22 -16.07
N ILE A 236 -5.04 10.96 -15.69
CA ILE A 236 -6.11 10.18 -15.04
C ILE A 236 -6.52 10.82 -13.72
N LEU A 237 -5.54 11.32 -12.98
CA LEU A 237 -5.78 11.95 -11.68
C LEU A 237 -5.96 13.47 -11.70
N LYS A 238 -5.96 14.07 -12.90
CA LYS A 238 -6.09 15.51 -13.04
C LYS A 238 -7.34 16.09 -12.38
N PRO A 239 -8.51 15.43 -12.49
CA PRO A 239 -9.70 15.92 -11.77
C PRO A 239 -9.53 16.07 -10.26
N PHE A 240 -8.58 15.32 -9.70
CA PHE A 240 -8.20 15.40 -8.27
C PHE A 240 -6.90 16.15 -7.99
N LYS A 241 -6.34 16.82 -9.00
CA LYS A 241 -5.07 17.56 -8.87
C LYS A 241 -4.01 16.72 -8.11
N ALA A 242 -3.95 15.43 -8.43
CA ALA A 242 -3.09 14.50 -7.68
C ALA A 242 -1.96 13.89 -8.52
N ASP A 243 -0.90 13.50 -7.82
CA ASP A 243 0.31 12.88 -8.40
C ASP A 243 0.19 11.36 -8.56
N ALA A 244 -0.32 10.72 -7.51
CA ALA A 244 -0.24 9.25 -7.33
C ALA A 244 -1.15 8.81 -6.17
N PHE A 245 -1.21 7.48 -5.98
CA PHE A 245 -1.75 6.89 -4.76
C PHE A 245 -0.64 6.41 -3.85
N THR A 246 -0.89 6.54 -2.56
CA THR A 246 -0.04 5.91 -1.52
C THR A 246 -0.84 4.94 -0.66
N LEU A 247 -0.18 4.26 0.27
CA LEU A 247 -0.91 3.33 1.16
C LEU A 247 -1.53 4.00 2.34
N VAL A 248 -2.62 3.39 2.82
CA VAL A 248 -3.24 3.74 4.11
C VAL A 248 -3.73 2.48 4.78
N THR A 249 -3.89 2.57 6.11
CA THR A 249 -4.51 1.49 6.91
C THR A 249 -5.53 2.10 7.86
N ASP A 250 -6.25 1.20 8.54
CA ASP A 250 -7.31 1.61 9.48
C ASP A 250 -6.86 2.63 10.53
N GLN A 251 -5.65 2.43 11.08
CA GLN A 251 -5.15 3.30 12.16
C GLN A 251 -5.01 4.77 11.75
N ASP A 252 -4.83 5.02 10.45
CA ASP A 252 -4.71 6.40 9.93
C ASP A 252 -6.00 7.21 10.19
N TYR A 253 -7.12 6.52 10.46
CA TYR A 253 -8.42 7.19 10.68
C TYR A 253 -8.81 7.33 12.16
N ASP A 254 -7.89 6.94 13.05
CA ASP A 254 -8.12 7.18 14.49
C ASP A 254 -8.27 8.65 14.81
N VAL A 255 -7.61 9.54 14.08
CA VAL A 255 -7.79 11.00 14.30
C VAL A 255 -9.25 11.45 14.07
N VAL A 256 -9.92 10.77 13.13
CA VAL A 256 -11.31 11.04 12.80
C VAL A 256 -12.25 10.46 13.85
N ARG A 257 -11.94 9.24 14.29
CA ARG A 257 -12.68 8.64 15.44
C ARG A 257 -12.66 9.62 16.62
N ASN A 258 -11.49 10.16 16.91
CA ASN A 258 -11.25 11.03 18.07
C ASN A 258 -12.10 12.32 17.89
N LEU A 259 -12.06 12.92 16.71
CA LEU A 259 -12.90 14.10 16.47
C LEU A 259 -14.41 13.84 16.61
N GLY A 260 -14.84 12.67 16.17
CA GLY A 260 -16.23 12.25 16.32
C GLY A 260 -16.64 12.16 17.77
N GLU A 261 -15.73 11.65 18.60
CA GLU A 261 -15.93 11.62 20.08
C GLU A 261 -16.00 13.02 20.69
N VAL A 262 -15.08 13.87 20.29
CA VAL A 262 -15.00 15.27 20.79
C VAL A 262 -16.34 15.98 20.61
N LEU A 263 -16.96 15.78 19.46
CA LEU A 263 -18.23 16.47 19.11
C LEU A 263 -19.51 15.73 19.52
N GLU A 264 -19.33 14.57 20.14
CA GLU A 264 -20.44 13.76 20.65
C GLU A 264 -21.48 13.46 19.59
N LEU A 265 -21.04 13.14 18.37
CA LEU A 265 -22.01 12.90 17.32
C LEU A 265 -22.63 11.50 17.42
N ASN A 266 -23.95 11.49 17.26
CA ASN A 266 -24.84 10.30 17.32
C ASN A 266 -25.32 9.80 15.97
N PHE A 267 -24.60 8.86 15.37
CA PHE A 267 -25.05 8.34 14.08
C PHE A 267 -26.02 7.21 14.19
N GLU A 268 -25.90 6.47 15.28
CA GLU A 268 -26.73 5.31 15.63
C GLU A 268 -28.21 5.47 15.29
N LYS B 9 7.77 14.49 2.36
CA LYS B 9 8.47 14.19 1.07
C LYS B 9 9.87 13.59 1.32
N ALA B 10 10.81 14.44 1.68
CA ALA B 10 12.10 13.95 2.14
C ALA B 10 12.04 13.48 3.60
N ASN B 11 11.01 13.93 4.33
CA ASN B 11 10.82 13.54 5.74
C ASN B 11 9.34 13.23 6.05
N PRO B 12 8.82 12.12 5.51
CA PRO B 12 7.42 11.78 5.74
C PRO B 12 7.15 11.23 7.13
N GLN B 13 5.93 11.46 7.60
CA GLN B 13 5.46 10.95 8.88
C GLN B 13 5.17 9.45 8.76
N LYS B 14 4.79 9.05 7.55
CA LYS B 14 4.45 7.67 7.19
C LYS B 14 5.50 7.08 6.22
N LEU B 15 6.04 5.90 6.54
CA LEU B 15 7.01 5.22 5.64
C LEU B 15 6.41 4.00 4.91
N VAL B 16 6.50 4.01 3.59
CA VAL B 16 6.01 2.90 2.75
C VAL B 16 7.16 1.91 2.58
N VAL B 17 6.97 0.70 3.08
CA VAL B 17 8.03 -0.29 3.09
C VAL B 17 7.60 -1.55 2.35
N ALA B 18 8.30 -1.82 1.25
CA ALA B 18 8.08 -3.05 0.48
C ALA B 18 8.95 -4.19 0.94
N LEU B 19 8.32 -5.36 0.99
CA LEU B 19 8.98 -6.61 1.39
C LEU B 19 8.87 -7.62 0.25
N LEU B 20 10.00 -8.24 -0.06
CA LEU B 20 10.06 -9.20 -1.15
C LEU B 20 9.09 -10.38 -0.91
N PRO B 21 8.27 -10.74 -1.93
CA PRO B 21 7.38 -11.86 -1.85
C PRO B 21 8.12 -13.18 -2.07
N ASP B 22 9.12 -13.47 -1.23
CA ASP B 22 9.87 -14.75 -1.32
C ASP B 22 9.07 -15.94 -0.84
N GLU B 23 8.04 -15.66 -0.04
CA GLU B 23 7.07 -16.65 0.42
C GLU B 23 5.68 -15.99 0.38
N SER B 24 4.66 -16.74 0.77
CA SER B 24 3.28 -16.24 0.88
C SER B 24 3.29 -14.90 1.63
N ALA B 25 2.46 -13.98 1.18
CA ALA B 25 2.40 -12.63 1.80
C ALA B 25 2.21 -12.70 3.30
N ALA B 26 1.35 -13.62 3.76
CA ALA B 26 1.01 -13.76 5.18
C ALA B 26 2.24 -14.13 5.99
N THR B 27 3.08 -14.98 5.43
CA THR B 27 4.29 -15.43 6.09
C THR B 27 5.27 -14.24 6.14
N VAL B 28 5.43 -13.54 5.00
CA VAL B 28 6.35 -12.38 4.92
C VAL B 28 5.94 -11.32 5.95
N ILE B 29 4.65 -10.97 5.93
CA ILE B 29 4.13 -9.96 6.88
C ILE B 29 4.35 -10.34 8.35
N GLN B 30 3.95 -11.56 8.71
CA GLN B 30 4.14 -12.06 10.07
C GLN B 30 5.61 -12.03 10.50
N ASN B 31 6.51 -12.42 9.60
CA ASN B 31 7.95 -12.39 9.95
C ASN B 31 8.49 -10.98 10.25
N ASN B 32 7.93 -9.99 9.59
CA ASN B 32 8.35 -8.56 9.67
C ASN B 32 7.62 -7.69 10.72
N LYS B 33 6.63 -8.27 11.39
CA LYS B 33 5.81 -7.48 12.34
C LYS B 33 6.67 -6.89 13.44
N GLY B 34 7.53 -7.72 14.03
CA GLY B 34 8.39 -7.26 15.12
C GLY B 34 9.29 -6.12 14.67
N LEU B 35 9.93 -6.33 13.54
CA LEU B 35 10.87 -5.34 13.04
C LEU B 35 10.12 -4.04 12.70
N GLU B 36 8.92 -4.16 12.12
CA GLU B 36 8.09 -2.97 11.83
C GLU B 36 7.88 -2.15 13.09
N MET B 37 7.44 -2.84 14.15
CA MET B 37 7.17 -2.15 15.44
C MET B 37 8.41 -1.50 16.07
N TYR B 38 9.52 -2.22 16.02
CA TYR B 38 10.82 -1.67 16.43
C TYR B 38 11.17 -0.36 15.73
N LEU B 39 11.07 -0.37 14.41
CA LEU B 39 11.39 0.81 13.60
C LEU B 39 10.46 1.99 13.86
N GLU B 40 9.17 1.70 13.92
CA GLU B 40 8.17 2.78 14.21
C GLU B 40 8.49 3.48 15.53
N ASN B 41 8.79 2.69 16.55
CA ASN B 41 9.10 3.23 17.91
C ASN B 41 10.44 3.97 17.89
N LYS B 42 11.44 3.41 17.20
CA LYS B 42 12.78 4.04 17.09
C LYS B 42 12.76 5.35 16.35
N LEU B 43 12.06 5.38 15.22
CA LEU B 43 12.00 6.53 14.34
C LEU B 43 10.83 7.49 14.64
N ASN B 44 9.91 7.09 15.51
CA ASN B 44 8.66 7.84 15.78
C ASN B 44 7.94 8.16 14.46
N LYS B 45 7.71 7.09 13.69
CA LYS B 45 7.06 7.18 12.40
C LYS B 45 6.14 6.00 12.24
N ASP B 46 5.15 6.16 11.38
CA ASP B 46 4.28 5.06 11.01
C ASP B 46 4.94 4.35 9.82
N ILE B 47 4.90 3.04 9.84
CA ILE B 47 5.32 2.26 8.69
C ILE B 47 4.11 1.57 8.12
N GLU B 48 4.00 1.54 6.81
CA GLU B 48 3.00 0.68 6.14
C GLU B 48 3.68 -0.26 5.16
N LEU B 49 3.34 -1.53 5.32
CA LEU B 49 3.99 -2.62 4.60
C LEU B 49 3.27 -2.94 3.28
N PHE B 50 4.06 -3.29 2.27
CA PHE B 50 3.54 -3.69 0.97
C PHE B 50 4.28 -4.94 0.50
N VAL B 51 3.52 -5.99 0.17
CA VAL B 51 4.05 -7.24 -0.39
C VAL B 51 3.39 -7.43 -1.75
N SER B 52 4.21 -7.33 -2.77
CA SER B 52 3.79 -7.41 -4.16
C SER B 52 3.38 -8.83 -4.57
N THR B 53 2.77 -8.90 -5.76
CA THR B 53 2.36 -10.20 -6.39
C THR B 53 3.55 -11.04 -6.81
N ASP B 54 4.58 -10.36 -7.29
CA ASP B 54 5.78 -11.02 -7.77
C ASP B 54 6.96 -10.04 -7.72
N TYR B 55 8.15 -10.51 -8.08
CA TYR B 55 9.33 -9.66 -7.96
C TYR B 55 9.34 -8.49 -8.93
N SER B 56 8.97 -8.76 -10.18
CA SER B 56 8.91 -7.68 -11.22
C SER B 56 7.97 -6.54 -10.82
N SER B 57 6.87 -6.88 -10.17
CA SER B 57 5.90 -5.86 -9.70
C SER B 57 6.49 -4.97 -8.59
N MET B 58 7.24 -5.59 -7.67
CA MET B 58 7.97 -4.82 -6.64
C MET B 58 9.01 -3.88 -7.27
N ILE B 59 9.71 -4.36 -8.30
CA ILE B 59 10.71 -3.56 -9.02
C ILE B 59 10.02 -2.37 -9.73
N GLU B 60 8.89 -2.66 -10.33
CA GLU B 60 8.07 -1.63 -10.98
C GLU B 60 7.69 -0.53 -10.01
N VAL B 61 7.09 -0.94 -8.91
CA VAL B 61 6.63 -0.01 -7.87
C VAL B 61 7.83 0.84 -7.36
N ALA B 62 8.99 0.21 -7.18
CA ALA B 62 10.24 0.93 -6.84
C ALA B 62 10.65 1.95 -7.91
N SER B 63 10.63 1.53 -9.16
CA SER B 63 11.00 2.40 -10.31
C SER B 63 10.14 3.68 -10.45
N LYS B 64 8.91 3.61 -9.95
CA LYS B 64 7.96 4.73 -9.99
C LYS B 64 7.99 5.62 -8.76
N GLY B 65 8.89 5.33 -7.82
CA GLY B 65 9.10 6.24 -6.66
C GLY B 65 8.09 6.13 -5.53
N ARG B 66 7.39 5.00 -5.42
CA ARG B 66 6.30 4.82 -4.40
C ARG B 66 6.81 4.33 -3.06
N LEU B 67 8.08 3.93 -3.02
CA LEU B 67 8.65 3.29 -1.81
C LEU B 67 9.64 4.19 -1.08
N ASP B 68 9.60 4.12 0.26
CA ASP B 68 10.62 4.76 1.12
C ASP B 68 11.71 3.75 1.52
N LEU B 69 11.33 2.54 1.92
CA LEU B 69 12.30 1.42 2.12
C LEU B 69 11.80 0.19 1.34
N ALA B 70 12.74 -0.67 0.99
CA ALA B 70 12.46 -1.93 0.31
C ALA B 70 13.48 -3.00 0.64
N TYR B 71 12.94 -4.16 1.02
CA TYR B 71 13.76 -5.35 1.34
C TYR B 71 13.77 -6.23 0.11
N PHE B 72 14.84 -6.12 -0.68
CA PHE B 72 14.95 -6.76 -1.98
C PHE B 72 15.79 -8.03 -1.86
N GLY B 73 15.65 -8.97 -2.79
CA GLY B 73 16.64 -10.05 -2.94
C GLY B 73 17.82 -9.51 -3.72
N PRO B 74 18.94 -10.24 -3.73
CA PRO B 74 20.11 -9.67 -4.44
C PRO B 74 19.92 -9.34 -5.92
N LEU B 75 19.33 -10.24 -6.68
CA LEU B 75 19.12 -9.99 -8.15
C LEU B 75 18.08 -8.89 -8.38
N SER B 76 16.96 -8.97 -7.68
CA SER B 76 15.88 -8.00 -7.78
C SER B 76 16.39 -6.61 -7.37
N TYR B 77 17.28 -6.56 -6.40
CA TYR B 77 17.96 -5.29 -6.05
C TYR B 77 18.75 -4.71 -7.26
N VAL B 78 19.60 -5.54 -7.87
CA VAL B 78 20.44 -5.12 -9.01
C VAL B 78 19.56 -4.64 -10.17
N LEU B 79 18.48 -5.36 -10.43
CA LEU B 79 17.50 -4.94 -11.47
C LEU B 79 16.84 -3.59 -11.11
N ALA B 80 16.34 -3.50 -9.89
CA ALA B 80 15.72 -2.27 -9.35
C ALA B 80 16.66 -1.04 -9.37
N LYS B 81 17.93 -1.27 -9.07
CA LYS B 81 18.94 -0.21 -8.97
C LYS B 81 19.18 0.45 -10.33
N THR B 82 18.99 -0.32 -11.39
CA THR B 82 19.14 0.25 -12.79
C THR B 82 18.02 1.23 -13.13
N LYS B 83 16.95 1.26 -12.32
CA LYS B 83 15.77 2.09 -12.64
C LYS B 83 15.08 2.80 -11.49
N SER B 84 15.76 2.87 -10.33
CA SER B 84 15.21 3.47 -9.12
C SER B 84 16.29 4.24 -8.41
N ASN B 85 15.86 5.28 -7.70
CA ASN B 85 16.75 6.09 -6.90
C ASN B 85 16.80 5.48 -5.49
N ILE B 86 17.49 4.35 -5.39
CA ILE B 86 17.58 3.57 -4.13
C ILE B 86 19.02 3.30 -3.79
N GLU B 87 19.27 3.10 -2.50
CA GLU B 87 20.57 2.66 -2.05
C GLU B 87 20.43 1.59 -0.96
N PRO B 88 21.30 0.57 -1.04
CA PRO B 88 21.36 -0.48 -0.02
C PRO B 88 22.08 0.06 1.19
N PHE B 89 21.64 -0.37 2.36
CA PHE B 89 22.25 0.08 3.61
C PHE B 89 22.45 -0.93 4.72
N ALA B 90 21.78 -2.09 4.64
CA ALA B 90 21.92 -3.10 5.71
C ALA B 90 21.53 -4.45 5.22
N ALA B 91 22.05 -5.46 5.90
CA ALA B 91 21.72 -6.85 5.60
C ALA B 91 21.87 -7.70 6.86
N LEU B 92 21.13 -8.81 6.90
CA LEU B 92 21.19 -9.74 8.06
C LEU B 92 22.58 -10.28 8.28
N GLU B 93 22.93 -10.42 9.54
CA GLU B 93 24.19 -11.09 9.95
C GLU B 93 23.85 -12.29 10.83
N LYS B 94 24.42 -13.44 10.53
CA LYS B 94 24.29 -14.69 11.35
C LYS B 94 25.68 -15.33 11.48
N ASP B 95 26.01 -15.81 12.66
CA ASP B 95 27.34 -16.43 12.93
C ASP B 95 28.50 -15.56 12.42
N GLY B 96 28.33 -14.25 12.50
CA GLY B 96 29.32 -13.30 11.97
C GLY B 96 29.42 -13.12 10.47
N LYS B 97 28.51 -13.73 9.71
CA LYS B 97 28.55 -13.62 8.25
C LYS B 97 27.30 -12.93 7.74
N ASN B 98 27.42 -12.32 6.57
CA ASN B 98 26.28 -11.66 5.91
C ASN B 98 26.04 -12.27 4.54
N THR B 99 26.01 -13.58 4.51
CA THR B 99 25.83 -14.35 3.28
C THR B 99 24.72 -15.42 3.44
N TYR B 100 24.30 -15.96 2.31
CA TYR B 100 23.36 -17.10 2.31
C TYR B 100 23.67 -18.00 1.11
N GLN B 101 23.12 -19.21 1.17
CA GLN B 101 23.27 -20.20 0.14
C GLN B 101 21.93 -20.59 -0.47
N ALA B 102 22.01 -21.07 -1.71
CA ALA B 102 20.93 -21.75 -2.37
C ALA B 102 21.10 -23.24 -2.25
N LEU B 103 19.98 -23.94 -2.32
CA LEU B 103 19.92 -25.41 -2.37
C LEU B 103 19.34 -25.90 -3.67
N VAL B 104 19.90 -26.99 -4.17
CA VAL B 104 19.20 -27.81 -5.14
C VAL B 104 18.69 -28.98 -4.35
N ILE B 105 17.37 -29.14 -4.39
CA ILE B 105 16.70 -30.23 -3.66
C ILE B 105 16.02 -31.23 -4.60
N GLY B 106 15.79 -32.42 -4.07
CA GLY B 106 15.12 -33.50 -4.80
C GLY B 106 14.02 -34.16 -4.01
N ASN B 107 13.08 -34.77 -4.75
CA ASN B 107 11.99 -35.50 -4.14
C ASN B 107 12.51 -36.85 -3.66
N ALA B 108 12.28 -37.12 -2.39
CA ALA B 108 12.83 -38.32 -1.69
C ALA B 108 12.17 -39.60 -2.18
N GLU B 109 10.84 -39.60 -2.30
CA GLU B 109 10.06 -40.80 -2.66
C GLU B 109 10.44 -41.33 -4.05
N ALA B 110 10.80 -40.43 -4.96
CA ALA B 110 11.29 -40.77 -6.32
C ALA B 110 12.80 -41.01 -6.45
N GLY B 111 13.53 -40.92 -5.34
CA GLY B 111 15.00 -41.15 -5.33
C GLY B 111 15.81 -40.12 -6.09
N ILE B 112 15.36 -38.87 -6.07
CA ILE B 112 16.10 -37.79 -6.76
C ILE B 112 17.19 -37.29 -5.79
N ASN B 113 18.31 -37.98 -5.80
CA ASN B 113 19.43 -37.73 -4.86
C ASN B 113 20.72 -37.29 -5.54
N SER B 114 20.63 -36.99 -6.82
CA SER B 114 21.79 -36.57 -7.60
C SER B 114 21.37 -35.69 -8.76
N TYR B 115 22.32 -34.96 -9.31
CA TYR B 115 22.10 -34.17 -10.53
C TYR B 115 21.69 -35.07 -11.71
N GLU B 116 22.29 -36.26 -11.77
CA GLU B 116 22.02 -37.26 -12.83
C GLU B 116 20.50 -37.62 -12.87
N LYS B 117 19.94 -37.79 -11.69
CA LYS B 117 18.53 -38.10 -11.52
C LYS B 117 17.52 -36.99 -11.93
N ILE B 118 17.99 -35.76 -12.14
CA ILE B 118 17.13 -34.63 -12.60
C ILE B 118 16.84 -34.73 -14.11
N GLU B 119 17.71 -35.42 -14.83
CA GLU B 119 17.57 -35.47 -16.29
C GLU B 119 16.21 -36.08 -16.67
N GLY B 120 15.54 -35.42 -17.61
CA GLY B 120 14.22 -35.82 -18.12
C GLY B 120 13.03 -35.60 -17.17
N LYS B 121 13.28 -34.91 -16.05
CA LYS B 121 12.25 -34.70 -15.02
C LYS B 121 11.93 -33.21 -14.89
N ILE B 122 11.11 -32.84 -13.90
CA ILE B 122 10.65 -31.45 -13.72
C ILE B 122 11.43 -30.78 -12.59
N MET B 123 12.01 -29.61 -12.91
CA MET B 123 12.74 -28.75 -11.99
C MET B 123 11.88 -27.51 -11.68
N ALA B 124 11.61 -27.29 -10.41
CA ALA B 124 10.89 -26.07 -9.97
C ALA B 124 11.83 -24.95 -9.60
N TYR B 125 11.55 -23.80 -10.17
CA TYR B 125 12.15 -22.51 -9.81
C TYR B 125 11.05 -21.62 -9.21
N GLY B 126 11.45 -20.57 -8.50
CA GLY B 126 10.47 -19.65 -7.87
C GLY B 126 10.11 -18.54 -8.89
N ASP B 127 10.35 -17.32 -8.48
CA ASP B 127 10.17 -16.15 -9.35
C ASP B 127 11.33 -16.08 -10.36
N GLN B 128 11.01 -15.65 -11.56
CA GLN B 128 12.04 -15.53 -12.61
C GLN B 128 13.20 -14.58 -12.25
N ALA B 129 12.91 -13.58 -11.43
CA ALA B 129 13.93 -12.60 -10.96
C ALA B 129 14.55 -12.99 -9.59
N SER B 130 14.45 -14.27 -9.23
CA SER B 130 14.98 -14.76 -7.96
C SER B 130 16.43 -15.19 -8.08
N THR B 131 17.21 -14.74 -7.11
CA THR B 131 18.63 -15.18 -7.00
C THR B 131 18.71 -16.68 -6.61
N SER B 132 18.19 -17.02 -5.44
CA SER B 132 18.43 -18.37 -4.87
C SER B 132 17.40 -19.42 -5.27
N SER B 133 16.29 -18.99 -5.90
CA SER B 133 15.34 -19.92 -6.51
C SER B 133 15.25 -19.88 -8.04
N HIS B 134 16.19 -19.18 -8.65
CA HIS B 134 16.33 -19.27 -10.12
C HIS B 134 17.78 -19.15 -10.56
N LEU B 135 18.34 -17.95 -10.48
CA LEU B 135 19.68 -17.68 -11.09
C LEU B 135 20.74 -18.66 -10.57
N ILE B 136 20.89 -18.72 -9.27
CA ILE B 136 21.92 -19.59 -8.65
C ILE B 136 21.70 -21.11 -8.92
N PRO B 137 20.53 -21.68 -8.52
CA PRO B 137 20.33 -23.11 -8.83
C PRO B 137 20.38 -23.46 -10.33
N LYS B 138 19.89 -22.56 -11.18
CA LYS B 138 20.03 -22.77 -12.65
C LYS B 138 21.50 -22.85 -13.07
N SER B 139 22.30 -21.92 -12.55
CA SER B 139 23.75 -21.94 -12.84
C SER B 139 24.42 -23.24 -12.37
N MET B 140 24.05 -23.69 -11.17
CA MET B 140 24.46 -24.98 -10.59
C MET B 140 24.13 -26.23 -11.45
N LEU B 141 22.92 -26.28 -11.97
CA LEU B 141 22.49 -27.37 -12.88
C LEU B 141 23.26 -27.31 -14.22
N LYS B 142 23.43 -26.09 -14.72
CA LYS B 142 24.15 -25.78 -15.99
C LYS B 142 25.60 -26.22 -15.89
N GLN B 143 26.23 -25.97 -14.72
CA GLN B 143 27.61 -26.50 -14.42
C GLN B 143 27.70 -28.00 -14.67
N LYS B 144 26.62 -28.71 -14.38
CA LYS B 144 26.51 -30.14 -14.66
C LYS B 144 25.75 -30.52 -15.96
N GLN B 145 25.79 -29.60 -16.92
CA GLN B 145 25.21 -29.77 -18.27
C GLN B 145 23.76 -30.26 -18.24
N LEU B 146 23.00 -29.61 -17.38
CA LEU B 146 21.55 -29.71 -17.41
C LEU B 146 21.08 -28.36 -17.92
N LYS B 147 20.33 -28.37 -19.02
CA LYS B 147 19.85 -27.15 -19.65
C LYS B 147 18.34 -27.22 -19.84
N ALA B 148 17.67 -26.14 -19.46
CA ALA B 148 16.20 -26.09 -19.47
C ALA B 148 15.68 -26.14 -20.90
N GLY B 149 14.74 -27.05 -21.12
CA GLY B 149 14.16 -27.27 -22.44
C GLY B 149 14.99 -28.16 -23.35
N GLU B 150 16.07 -28.72 -22.82
CA GLU B 150 16.94 -29.67 -23.56
C GLU B 150 16.96 -31.06 -22.94
N ASN B 151 17.33 -31.13 -21.67
CA ASN B 151 17.33 -32.44 -20.95
C ASN B 151 16.66 -32.39 -19.54
N TYR B 152 15.98 -31.29 -19.25
CA TYR B 152 14.95 -31.29 -18.21
C TYR B 152 13.91 -30.23 -18.55
N GLU B 153 12.81 -30.24 -17.82
CA GLU B 153 11.73 -29.28 -18.02
C GLU B 153 11.64 -28.40 -16.77
N GLU B 154 11.63 -27.08 -17.00
CA GLU B 154 11.51 -26.13 -15.90
C GLU B 154 10.07 -25.66 -15.72
N VAL B 155 9.69 -25.44 -14.47
CA VAL B 155 8.42 -24.78 -14.14
C VAL B 155 8.74 -23.67 -13.13
N PHE B 156 8.13 -22.51 -13.32
CA PHE B 156 8.26 -21.37 -12.40
C PHE B 156 7.02 -21.36 -11.52
N VAL B 157 7.20 -21.61 -10.24
CA VAL B 157 6.06 -21.68 -9.27
C VAL B 157 5.95 -20.42 -8.41
N GLY B 158 6.86 -19.48 -8.62
CA GLY B 158 6.70 -18.09 -8.14
C GLY B 158 7.29 -17.67 -6.80
N ALA B 159 7.61 -18.62 -5.94
CA ALA B 159 8.17 -18.30 -4.63
C ALA B 159 8.86 -19.50 -4.06
N HIS B 160 9.61 -19.30 -2.98
CA HIS B 160 10.40 -20.37 -2.34
C HIS B 160 9.57 -21.44 -1.65
N ASP B 161 8.49 -21.01 -0.98
CA ASP B 161 7.64 -21.99 -0.28
C ASP B 161 6.94 -22.85 -1.34
N ALA B 162 6.51 -22.21 -2.44
CA ALA B 162 5.88 -22.94 -3.54
C ALA B 162 6.86 -23.97 -4.17
N VAL B 163 8.17 -23.65 -4.23
CA VAL B 163 9.18 -24.62 -4.72
C VAL B 163 9.18 -25.86 -3.78
N ALA B 164 9.35 -25.63 -2.47
CA ALA B 164 9.43 -26.69 -1.49
C ALA B 164 8.20 -27.60 -1.51
N ILE B 165 7.01 -26.99 -1.55
CA ILE B 165 5.73 -27.70 -1.63
C ILE B 165 5.66 -28.52 -2.92
N ALA B 166 6.08 -27.92 -4.03
CA ALA B 166 6.00 -28.65 -5.31
C ALA B 166 6.87 -29.89 -5.30
N VAL B 167 8.06 -29.77 -4.75
CA VAL B 167 9.01 -30.87 -4.72
C VAL B 167 8.54 -31.90 -3.68
N ALA B 168 8.12 -31.45 -2.51
CA ALA B 168 7.66 -32.36 -1.44
C ALA B 168 6.46 -33.23 -1.84
N ASN B 169 5.56 -32.62 -2.61
CA ASN B 169 4.36 -33.29 -3.09
C ASN B 169 4.56 -34.05 -4.42
N GLY B 170 5.75 -33.99 -4.95
CA GLY B 170 6.09 -34.77 -6.17
C GLY B 170 5.61 -34.22 -7.49
N LYS B 171 4.99 -33.06 -7.45
CA LYS B 171 4.61 -32.30 -8.64
C LYS B 171 5.85 -31.94 -9.48
N ALA B 172 6.90 -31.54 -8.77
CA ALA B 172 8.23 -31.42 -9.35
C ALA B 172 9.10 -32.46 -8.68
N GLN B 173 10.10 -32.93 -9.42
CA GLN B 173 11.06 -33.90 -8.90
C GLN B 173 12.35 -33.29 -8.31
N ALA B 174 12.61 -32.03 -8.64
CA ALA B 174 13.73 -31.29 -8.11
C ALA B 174 13.34 -29.84 -8.04
N GLY B 175 14.11 -29.07 -7.30
CA GLY B 175 13.86 -27.63 -7.22
C GLY B 175 15.03 -26.87 -6.64
N GLY B 176 14.91 -25.55 -6.74
CA GLY B 176 15.91 -24.62 -6.30
C GLY B 176 15.35 -23.58 -5.37
N LEU B 177 15.94 -23.43 -4.20
CA LEU B 177 15.45 -22.43 -3.21
C LEU B 177 16.52 -22.03 -2.20
N SER B 178 16.19 -21.00 -1.42
CA SER B 178 17.01 -20.43 -0.39
C SER B 178 17.19 -21.42 0.76
N LYS B 179 18.44 -21.62 1.16
CA LYS B 179 18.74 -22.47 2.31
C LYS B 179 18.03 -21.98 3.61
N PRO B 180 18.07 -20.68 3.93
CA PRO B 180 17.29 -20.21 5.11
C PRO B 180 15.79 -20.52 5.12
N ILE B 181 15.18 -20.34 3.96
CA ILE B 181 13.76 -20.54 3.77
C ILE B 181 13.41 -22.05 3.91
N PHE B 182 14.19 -22.92 3.27
CA PHE B 182 14.02 -24.38 3.39
C PHE B 182 14.06 -24.79 4.87
N THR B 183 15.04 -24.23 5.56
CA THR B 183 15.27 -24.49 7.00
C THR B 183 14.05 -24.07 7.82
N ALA B 184 13.56 -22.87 7.57
CA ALA B 184 12.36 -22.35 8.21
C ALA B 184 11.12 -23.19 7.93
N LEU B 185 10.96 -23.63 6.71
CA LEU B 185 9.79 -24.43 6.31
C LEU B 185 9.77 -25.74 7.03
N ILE B 186 10.94 -26.37 7.15
CA ILE B 186 11.04 -27.60 7.97
C ILE B 186 10.78 -27.35 9.48
N GLU B 187 11.43 -26.33 10.03
CA GLU B 187 11.32 -26.02 11.46
C GLU B 187 9.90 -25.63 11.87
N ARG B 188 9.16 -25.01 10.97
CA ARG B 188 7.73 -24.68 11.19
C ARG B 188 6.74 -25.81 10.93
N GLY B 189 7.22 -26.93 10.40
CA GLY B 189 6.36 -28.06 9.99
C GLY B 189 5.58 -27.90 8.68
N THR B 190 5.89 -26.90 7.86
CA THR B 190 5.23 -26.68 6.56
C THR B 190 5.56 -27.81 5.55
N ILE B 191 6.80 -28.28 5.66
CA ILE B 191 7.36 -29.36 4.85
C ILE B 191 7.86 -30.45 5.78
N ASP B 192 7.59 -31.70 5.39
CA ASP B 192 8.18 -32.87 6.07
C ASP B 192 9.58 -33.08 5.51
N LYS B 193 10.58 -33.02 6.39
CA LYS B 193 11.99 -33.20 6.01
C LYS B 193 12.27 -34.52 5.24
N ASN B 194 11.55 -35.58 5.62
CA ASN B 194 11.73 -36.90 4.97
C ASN B 194 11.24 -36.99 3.54
N LYS B 195 10.49 -35.99 3.08
CA LYS B 195 10.04 -35.93 1.67
C LYS B 195 11.02 -35.29 0.69
N VAL B 196 12.10 -34.72 1.23
CA VAL B 196 13.03 -33.94 0.41
C VAL B 196 14.46 -34.35 0.72
N ILE B 197 15.28 -34.33 -0.30
CA ILE B 197 16.75 -34.55 -0.23
C ILE B 197 17.51 -33.31 -0.72
N ILE B 198 18.53 -32.90 0.02
CA ILE B 198 19.42 -31.84 -0.43
C ILE B 198 20.44 -32.47 -1.34
N ILE B 199 20.45 -32.06 -2.60
CA ILE B 199 21.35 -32.62 -3.62
C ILE B 199 22.68 -31.86 -3.55
N ALA B 200 22.57 -30.54 -3.56
CA ALA B 200 23.74 -29.65 -3.52
C ALA B 200 23.42 -28.32 -2.84
N GLU B 201 24.45 -27.69 -2.31
CA GLU B 201 24.40 -26.30 -1.79
C GLU B 201 25.33 -25.42 -2.59
N SER B 202 24.89 -24.20 -2.87
CA SER B 202 25.72 -23.21 -3.57
C SER B 202 26.87 -22.68 -2.70
N LYS B 203 27.76 -21.94 -3.34
CA LYS B 203 28.71 -21.04 -2.67
C LYS B 203 27.91 -19.94 -1.94
N PRO B 204 28.52 -19.25 -0.97
CA PRO B 204 27.83 -18.13 -0.35
C PRO B 204 27.65 -16.94 -1.28
N PHE B 205 26.47 -16.34 -1.23
CA PHE B 205 26.18 -15.08 -1.92
C PHE B 205 25.83 -14.01 -0.90
N PRO B 206 25.97 -12.72 -1.28
CA PRO B 206 25.57 -11.71 -0.34
C PRO B 206 24.10 -11.76 0.00
N GLN B 207 23.80 -11.47 1.27
CA GLN B 207 22.43 -11.42 1.81
C GLN B 207 21.54 -10.42 1.10
N TYR B 208 20.25 -10.55 1.35
CA TYR B 208 19.28 -9.62 0.79
C TYR B 208 19.60 -8.21 1.29
N PRO B 209 19.62 -7.20 0.43
CA PRO B 209 19.79 -5.83 0.91
C PRO B 209 18.50 -5.14 1.32
N TRP B 210 18.50 -4.58 2.54
CA TRP B 210 17.62 -3.47 2.89
C TRP B 210 18.08 -2.24 2.10
N THR B 211 17.11 -1.58 1.49
CA THR B 211 17.35 -0.38 0.69
C THR B 211 16.42 0.75 1.08
N MET B 212 16.90 1.98 0.82
CA MET B 212 16.12 3.20 1.10
C MET B 212 16.16 4.11 -0.12
N ARG B 213 15.10 4.89 -0.23
CA ARG B 213 14.99 5.94 -1.23
C ARG B 213 16.08 6.98 -0.96
N SER B 214 16.90 7.21 -1.98
CA SER B 214 18.12 8.04 -1.85
C SER B 214 17.89 9.51 -1.57
N ASP B 215 16.73 10.02 -1.97
CA ASP B 215 16.40 11.45 -1.71
C ASP B 215 15.59 11.70 -0.43
N LEU B 216 15.47 10.69 0.43
CA LEU B 216 15.12 10.94 1.81
C LEU B 216 16.12 11.95 2.40
N ASP B 217 15.60 12.71 3.37
CA ASP B 217 16.40 13.65 4.12
C ASP B 217 17.62 12.92 4.70
N SER B 218 18.78 13.55 4.58
CA SER B 218 20.07 12.98 5.04
C SER B 218 20.06 12.47 6.47
N GLU B 219 19.47 13.26 7.36
CA GLU B 219 19.38 12.96 8.80
C GLU B 219 18.52 11.72 9.03
N LEU B 220 17.37 11.69 8.36
CA LEU B 220 16.50 10.51 8.39
C LEU B 220 17.20 9.24 7.88
N LYS B 221 17.91 9.36 6.76
CA LYS B 221 18.66 8.22 6.20
C LYS B 221 19.65 7.65 7.23
N THR B 222 20.39 8.53 7.89
CA THR B 222 21.29 8.12 8.98
C THR B 222 20.54 7.47 10.14
N GLN B 223 19.42 8.08 10.54
CA GLN B 223 18.59 7.53 11.62
C GLN B 223 18.13 6.10 11.29
N ILE B 224 17.72 5.89 10.06
CA ILE B 224 17.23 4.56 9.62
C ILE B 224 18.38 3.53 9.67
N GLN B 225 19.50 3.86 9.06
CA GLN B 225 20.67 2.96 9.09
C GLN B 225 21.12 2.62 10.54
N GLN B 226 21.22 3.64 11.35
CA GLN B 226 21.53 3.53 12.79
C GLN B 226 20.56 2.62 13.51
N ALA B 227 19.26 2.78 13.24
CA ALA B 227 18.25 1.95 13.91
C ALA B 227 18.46 0.46 13.62
N PHE B 228 18.75 0.17 12.35
CA PHE B 228 19.05 -1.25 11.98
C PHE B 228 20.30 -1.75 12.68
N LEU B 229 21.34 -0.92 12.71
CA LEU B 229 22.64 -1.30 13.33
C LEU B 229 22.49 -1.47 14.86
N GLU B 230 21.58 -0.72 15.48
CA GLU B 230 21.35 -0.77 16.95
C GLU B 230 20.47 -1.93 17.44
N LEU B 231 19.81 -2.60 16.52
CA LEU B 231 18.87 -3.66 16.88
C LEU B 231 19.61 -4.83 17.53
N GLU B 232 19.26 -5.11 18.77
CA GLU B 232 19.84 -6.21 19.55
C GLU B 232 18.82 -7.33 19.91
N ASP B 233 17.53 -7.07 19.70
CA ASP B 233 16.45 -7.96 20.12
C ASP B 233 16.38 -9.23 19.25
N LYS B 234 16.89 -10.32 19.78
CA LYS B 234 16.90 -11.60 19.06
C LYS B 234 15.50 -12.15 18.74
N ALA B 235 14.52 -11.79 19.55
CA ALA B 235 13.13 -12.22 19.29
C ALA B 235 12.60 -11.60 18.02
N ILE B 236 12.98 -10.33 17.78
CA ILE B 236 12.59 -9.61 16.56
C ILE B 236 13.18 -10.29 15.33
N LEU B 237 14.40 -10.82 15.49
CA LEU B 237 15.13 -11.46 14.37
C LEU B 237 15.01 -12.97 14.31
N LYS B 238 14.29 -13.56 15.25
CA LYS B 238 14.14 -15.02 15.29
C LYS B 238 13.57 -15.62 14.00
N PRO B 239 12.58 -14.94 13.36
CA PRO B 239 12.02 -15.50 12.12
C PRO B 239 13.08 -15.71 11.01
N PHE B 240 14.16 -14.95 11.09
CA PHE B 240 15.31 -15.05 10.16
C PHE B 240 16.53 -15.78 10.71
N LYS B 241 16.41 -16.35 11.90
CA LYS B 241 17.54 -16.97 12.65
C LYS B 241 18.81 -16.11 12.64
N ALA B 242 18.63 -14.81 12.79
CA ALA B 242 19.73 -13.87 12.64
C ALA B 242 20.11 -13.25 13.95
N ASP B 243 21.35 -12.79 13.99
CA ASP B 243 21.94 -12.19 15.19
C ASP B 243 21.79 -10.68 15.23
N ALA B 244 21.82 -10.07 14.06
CA ALA B 244 21.92 -8.59 13.93
C ALA B 244 21.84 -8.19 12.47
N PHE B 245 21.88 -6.89 12.26
CA PHE B 245 22.13 -6.29 10.94
C PHE B 245 23.54 -5.71 10.87
N THR B 246 24.14 -5.82 9.68
CA THR B 246 25.42 -5.17 9.37
C THR B 246 25.25 -4.28 8.15
N LEU B 247 26.27 -3.53 7.84
CA LEU B 247 26.28 -2.67 6.65
C LEU B 247 26.47 -3.40 5.37
N VAL B 248 25.81 -2.89 4.32
CA VAL B 248 26.13 -3.26 2.95
C VAL B 248 26.09 -1.99 2.10
N THR B 249 26.74 -2.10 0.96
CA THR B 249 26.72 -1.06 -0.09
C THR B 249 26.52 -1.70 -1.43
N ASP B 250 26.31 -0.85 -2.44
CA ASP B 250 26.02 -1.37 -3.78
C ASP B 250 27.05 -2.35 -4.35
N GLN B 251 28.32 -2.07 -4.08
CA GLN B 251 29.40 -2.91 -4.63
C GLN B 251 29.36 -4.37 -4.16
N ASP B 252 28.76 -4.62 -2.99
CA ASP B 252 28.57 -6.01 -2.49
C ASP B 252 27.81 -6.90 -3.48
N TYR B 253 26.99 -6.28 -4.33
CA TYR B 253 26.16 -7.05 -5.31
C TYR B 253 26.75 -7.21 -6.71
N ASP B 254 27.97 -6.72 -6.93
CA ASP B 254 28.65 -6.91 -8.25
C ASP B 254 28.78 -8.38 -8.62
N VAL B 255 28.96 -9.22 -7.61
CA VAL B 255 29.03 -10.70 -7.84
C VAL B 255 27.74 -11.26 -8.48
N VAL B 256 26.60 -10.68 -8.08
CA VAL B 256 25.32 -11.08 -8.66
C VAL B 256 25.16 -10.56 -10.10
N ARG B 257 25.56 -9.29 -10.31
CA ARG B 257 25.65 -8.69 -11.67
C ARG B 257 26.45 -9.60 -12.59
N ASN B 258 27.65 -9.95 -12.13
CA ASN B 258 28.54 -10.85 -12.91
C ASN B 258 27.82 -12.16 -13.26
N LEU B 259 27.18 -12.79 -12.29
CA LEU B 259 26.51 -14.05 -12.56
C LEU B 259 25.28 -13.90 -13.51
N GLY B 260 24.52 -12.83 -13.33
CA GLY B 260 23.36 -12.53 -14.20
C GLY B 260 23.75 -12.31 -15.67
N GLU B 261 24.90 -11.69 -15.87
CA GLU B 261 25.42 -11.44 -17.25
C GLU B 261 25.77 -12.76 -17.95
N VAL B 262 26.34 -13.69 -17.20
CA VAL B 262 26.74 -15.00 -17.76
C VAL B 262 25.55 -15.88 -18.16
N LEU B 263 24.46 -15.72 -17.42
CA LEU B 263 23.23 -16.45 -17.65
C LEU B 263 22.27 -15.75 -18.59
N GLU B 264 22.30 -14.40 -18.73
CA GLU B 264 21.82 -13.79 -19.97
C GLU B 264 20.29 -13.88 -20.06
MG MG C . -28.09 13.32 -2.62
MG MG D . -17.01 -0.58 -16.19
P1 GB E . -15.88 14.10 3.37
O1 GB E . -16.11 13.08 4.48
O2 GB E . -14.91 15.21 3.78
C1 GB E . -15.28 13.24 1.97
O3 GB E . -17.23 14.67 2.95
C1 EDO F . -18.75 -4.54 0.96
O1 EDO F . -20.11 -4.48 0.69
C2 EDO F . -18.58 -5.03 2.37
O2 EDO F . -18.58 -6.45 2.58
MG MG G . 2.70 -14.21 -6.40
MG MG H . 2.80 0.34 10.45
P1 GB I . 15.98 -14.37 -3.79
O1 GB I . 17.07 -15.36 -3.53
O2 GB I . 16.45 -13.36 -4.80
C1 GB I . 15.60 -13.47 -2.36
O3 GB I . 14.68 -15.00 -4.26
#